data_3T3O
#
_entry.id   3T3O
#
_cell.length_a   99.350
_cell.length_b   117.940
_cell.length_c   229.390
_cell.angle_alpha   90.00
_cell.angle_beta   90.00
_cell.angle_gamma   90.00
#
_symmetry.space_group_name_H-M   'F 2 2 2'
#
loop_
_entity.id
_entity.type
_entity.pdbx_description
1 polymer 'Metal dependent hydrolase'
2 polymer "O2'methyl-RNA"
3 non-polymer 'ZINC ION'
4 non-polymer GLYCEROL
5 water water
#
loop_
_entity_poly.entity_id
_entity_poly.type
_entity_poly.pdbx_seq_one_letter_code
_entity_poly.pdbx_strand_id
1 'polypeptide(L)'
;MSHHHHHHSSQGGPQDHVEIIPLGGMGEIGKNITVFRFRDEIFVLDGGLAFPEEGMPGVDLLIPRVDYLIEHRHKIKAWV
LTHGAEDHIGGLPFLLPMIFGKESPVPIYGARLTLGLLRGKLEEFGLRPGAFNLKEISPDDRIQVGRYFTLDLFRMTHSI
PDNSGVVIRTPIGTIVHTGDFKLDPTPIDGKVSHLAKVAQAGAEGVLLLIADATNAERPGYTPSEMEIAKELDRVIGRAP
GRVFVTTFASHIHRIQSVIWAAEKYGRKVAMEGRSMLKFSRIALELGYLKVKDRLYTLEEVKDLPDHQVLILATGSQGQP
MSVLHRLAFEGHAKMAIKPGDTVILSSSPIPGNEEAVNRVINRLYALGAYVLYPPTYKVHASGHASQEELKLILNLTTPR
FFLPWHGEVRHQMNFKWLAESMSRPPEKTLIGENGAVYRLTRETFEKVGEVPHGVLYVDGLGVGDITEEILADRRHMAEE
GLVVITALAGEDPVVEVVSRGFVKAGERLLGEVRRMALEALKNGVREKKPLERIRDDIYYPVKKFLKKATGRDPMILPVV
IE
;
A
2 'polyribonucleotide' (OMC)(OMU)(OMG)(OMG)U B
#
# COMPACT_ATOMS: atom_id res chain seq x y z
N SER A 10 -33.54 -10.15 -12.09
CA SER A 10 -33.57 -9.67 -10.70
C SER A 10 -34.86 -10.08 -10.00
N GLN A 11 -34.77 -10.31 -8.67
CA GLN A 11 -35.88 -10.69 -7.78
C GLN A 11 -35.55 -10.38 -6.30
N GLY A 12 -36.40 -10.83 -5.38
CA GLY A 12 -36.23 -10.63 -3.95
C GLY A 12 -36.67 -11.80 -3.08
N GLY A 13 -36.79 -11.52 -1.78
CA GLY A 13 -37.22 -12.49 -0.78
C GLY A 13 -36.09 -13.01 0.10
N PRO A 14 -36.21 -14.25 0.63
CA PRO A 14 -35.14 -14.79 1.49
C PRO A 14 -33.91 -15.27 0.73
N GLN A 15 -34.09 -15.86 -0.47
CA GLN A 15 -32.99 -16.38 -1.30
C GLN A 15 -32.15 -15.32 -2.01
N ASP A 16 -32.68 -14.10 -2.21
CA ASP A 16 -31.92 -13.04 -2.86
C ASP A 16 -30.99 -12.33 -1.87
N HIS A 17 -29.70 -12.20 -2.24
CA HIS A 17 -28.66 -11.60 -1.41
C HIS A 17 -27.44 -11.12 -2.22
N VAL A 18 -26.71 -10.14 -1.67
CA VAL A 18 -25.48 -9.61 -2.26
C VAL A 18 -24.33 -10.13 -1.40
N GLU A 19 -23.27 -10.61 -2.06
CA GLU A 19 -22.09 -11.13 -1.37
C GLU A 19 -20.92 -10.18 -1.57
N ILE A 20 -20.40 -9.65 -0.45
CA ILE A 20 -19.27 -8.72 -0.40
C ILE A 20 -18.04 -9.51 0.07
N ILE A 21 -16.99 -9.56 -0.77
CA ILE A 21 -15.77 -10.31 -0.48
C ILE A 21 -14.51 -9.45 -0.65
N PRO A 22 -14.01 -8.83 0.44
CA PRO A 22 -12.77 -8.04 0.30
C PRO A 22 -11.53 -8.92 0.21
N LEU A 23 -10.76 -8.78 -0.88
CA LEU A 23 -9.57 -9.57 -1.10
C LEU A 23 -8.33 -8.84 -0.61
N GLY A 24 -8.55 -7.59 -0.21
CA GLY A 24 -7.53 -6.69 0.31
C GLY A 24 -8.16 -5.39 0.77
N GLY A 25 -7.43 -4.64 1.60
CA GLY A 25 -7.87 -3.35 2.11
C GLY A 25 -8.63 -3.36 3.43
N MET A 26 -8.88 -4.56 3.99
CA MET A 26 -9.55 -4.71 5.28
C MET A 26 -8.53 -5.10 6.37
N GLY A 27 -8.67 -4.49 7.54
CA GLY A 27 -7.75 -4.68 8.65
C GLY A 27 -6.39 -4.09 8.34
N GLU A 28 -6.33 -3.23 7.31
CA GLU A 28 -5.11 -2.57 6.79
C GLU A 28 -5.45 -1.29 6.00
N ILE A 29 -4.42 -0.62 5.44
CA ILE A 29 -4.57 0.61 4.67
C ILE A 29 -4.39 0.46 3.12
N GLY A 30 -3.50 -0.45 2.69
CA GLY A 30 -3.22 -0.71 1.27
C GLY A 30 -3.90 -1.91 0.63
N LYS A 31 -3.47 -2.25 -0.61
CA LYS A 31 -3.96 -3.33 -1.48
C LYS A 31 -5.48 -3.53 -1.52
N ASN A 32 -6.21 -2.43 -1.71
CA ASN A 32 -7.66 -2.41 -1.77
C ASN A 32 -8.18 -3.13 -3.02
N ILE A 33 -9.13 -4.03 -2.78
CA ILE A 33 -9.81 -4.86 -3.77
C ILE A 33 -11.00 -5.47 -3.07
N THR A 34 -12.21 -5.12 -3.50
CA THR A 34 -13.47 -5.62 -2.94
C THR A 34 -14.26 -6.31 -4.04
N VAL A 35 -14.87 -7.45 -3.71
CA VAL A 35 -15.63 -8.23 -4.68
C VAL A 35 -17.10 -8.19 -4.33
N PHE A 36 -17.91 -7.78 -5.31
CA PHE A 36 -19.34 -7.71 -5.12
C PHE A 36 -20.03 -8.70 -6.04
N ARG A 37 -20.86 -9.59 -5.45
CA ARG A 37 -21.56 -10.64 -6.18
C ARG A 37 -23.05 -10.69 -5.88
N PHE A 38 -23.83 -10.86 -6.94
CA PHE A 38 -25.27 -11.08 -6.93
C PHE A 38 -25.51 -12.12 -8.01
N ARG A 39 -26.07 -13.27 -7.61
CA ARG A 39 -26.37 -14.42 -8.45
C ARG A 39 -25.11 -14.97 -9.14
N ASP A 40 -25.08 -14.93 -10.47
CA ASP A 40 -24.00 -15.43 -11.33
C ASP A 40 -23.14 -14.29 -11.89
N GLU A 41 -23.26 -13.07 -11.31
CA GLU A 41 -22.51 -11.90 -11.79
C GLU A 41 -21.59 -11.27 -10.75
N ILE A 42 -20.39 -10.83 -11.19
CA ILE A 42 -19.38 -10.23 -10.32
C ILE A 42 -18.87 -8.90 -10.87
N PHE A 43 -18.63 -7.97 -9.95
CA PHE A 43 -18.00 -6.70 -10.23
C PHE A 43 -16.90 -6.50 -9.18
N VAL A 44 -15.73 -6.02 -9.64
CA VAL A 44 -14.57 -5.80 -8.76
C VAL A 44 -14.37 -4.30 -8.54
N LEU A 45 -14.10 -3.91 -7.29
CA LEU A 45 -13.85 -2.52 -6.93
C LEU A 45 -12.36 -2.38 -6.57
N ASP A 46 -11.59 -1.79 -7.50
CA ASP A 46 -10.15 -1.55 -7.43
C ASP A 46 -9.26 -2.80 -7.43
N GLY A 47 -8.00 -2.61 -7.78
CA GLY A 47 -6.97 -3.65 -7.83
C GLY A 47 -5.68 -3.07 -7.29
N GLY A 48 -5.66 -2.94 -5.98
CA GLY A 48 -4.58 -2.32 -5.21
C GLY A 48 -3.31 -3.13 -5.03
N LEU A 49 -2.31 -2.41 -4.52
CA LEU A 49 -0.94 -2.80 -4.21
C LEU A 49 -0.67 -2.32 -2.77
N ALA A 50 0.20 -3.03 -2.06
CA ALA A 50 0.61 -2.64 -0.71
C ALA A 50 2.13 -2.53 -0.65
N PHE A 51 2.64 -1.77 0.33
CA PHE A 51 4.07 -1.60 0.54
C PHE A 51 4.51 -2.33 1.83
N PRO A 52 5.79 -2.77 1.96
CA PRO A 52 6.19 -3.54 3.15
C PRO A 52 6.65 -2.71 4.36
N GLU A 53 7.78 -3.12 5.00
CA GLU A 53 8.43 -2.55 6.19
C GLU A 53 7.70 -2.80 7.52
N GLU A 54 7.81 -4.06 8.01
CA GLU A 54 7.26 -4.58 9.27
C GLU A 54 8.29 -5.57 9.83
N GLY A 55 8.97 -6.25 8.90
CA GLY A 55 9.98 -7.28 9.10
C GLY A 55 10.03 -8.15 7.87
N MET A 56 10.19 -7.53 6.69
CA MET A 56 10.20 -8.16 5.37
C MET A 56 11.31 -7.60 4.44
N PRO A 57 12.52 -8.20 4.45
CA PRO A 57 13.61 -7.69 3.61
C PRO A 57 13.59 -8.24 2.18
N GLY A 58 14.01 -7.42 1.23
CA GLY A 58 14.06 -7.77 -0.19
C GLY A 58 12.80 -7.43 -0.96
N VAL A 59 11.62 -7.72 -0.34
CA VAL A 59 10.26 -7.49 -0.85
C VAL A 59 10.10 -6.01 -1.25
N ASP A 60 9.67 -5.76 -2.50
CA ASP A 60 9.44 -4.41 -3.02
C ASP A 60 7.96 -4.03 -2.96
N LEU A 61 7.07 -4.93 -3.43
CA LEU A 61 5.62 -4.72 -3.46
C LEU A 61 4.84 -5.89 -2.87
N LEU A 62 3.56 -5.67 -2.61
CA LEU A 62 2.64 -6.67 -2.09
C LEU A 62 1.35 -6.61 -2.91
N ILE A 63 0.92 -7.76 -3.45
CA ILE A 63 -0.31 -7.86 -4.25
C ILE A 63 -1.26 -8.89 -3.63
N PRO A 64 -2.59 -8.62 -3.57
CA PRO A 64 -3.51 -9.60 -2.95
C PRO A 64 -3.61 -10.93 -3.70
N ARG A 65 -4.14 -11.95 -3.01
CA ARG A 65 -4.35 -13.28 -3.59
C ARG A 65 -5.75 -13.34 -4.22
N VAL A 66 -5.78 -13.29 -5.57
CA VAL A 66 -7.00 -13.29 -6.40
C VAL A 66 -7.52 -14.68 -6.81
N ASP A 67 -7.26 -15.71 -5.98
CA ASP A 67 -7.68 -17.10 -6.20
C ASP A 67 -9.19 -17.25 -6.46
N TYR A 68 -10.01 -16.37 -5.88
CA TYR A 68 -11.46 -16.34 -6.08
C TYR A 68 -11.79 -15.79 -7.48
N LEU A 69 -11.03 -14.77 -7.91
CA LEU A 69 -11.23 -14.13 -9.21
C LEU A 69 -10.73 -14.98 -10.37
N ILE A 70 -9.68 -15.82 -10.15
CA ILE A 70 -9.10 -16.73 -11.13
C ILE A 70 -10.10 -17.87 -11.40
N GLU A 71 -10.71 -18.38 -10.33
CA GLU A 71 -11.70 -19.45 -10.34
C GLU A 71 -13.00 -18.99 -11.02
N HIS A 72 -13.45 -17.76 -10.70
CA HIS A 72 -14.69 -17.17 -11.21
C HIS A 72 -14.49 -16.15 -12.37
N ARG A 73 -13.32 -16.21 -13.05
CA ARG A 73 -12.89 -15.33 -14.16
C ARG A 73 -13.90 -15.02 -15.28
N HIS A 74 -14.98 -15.82 -15.38
CA HIS A 74 -16.02 -15.67 -16.40
C HIS A 74 -17.27 -14.94 -15.88
N LYS A 75 -17.46 -14.93 -14.55
CA LYS A 75 -18.57 -14.24 -13.88
C LYS A 75 -18.31 -12.73 -13.77
N ILE A 76 -17.06 -12.30 -13.99
CA ILE A 76 -16.63 -10.90 -13.88
C ILE A 76 -17.19 -10.07 -15.04
N LYS A 77 -18.15 -9.19 -14.72
CA LYS A 77 -18.83 -8.33 -15.69
C LYS A 77 -18.12 -7.02 -15.97
N ALA A 78 -17.36 -6.48 -14.98
CA ALA A 78 -16.61 -5.23 -15.09
C ALA A 78 -15.67 -4.99 -13.91
N TRP A 79 -14.60 -4.22 -14.16
CA TRP A 79 -13.65 -3.80 -13.13
C TRP A 79 -13.76 -2.28 -12.97
N VAL A 80 -14.23 -1.82 -11.80
CA VAL A 80 -14.45 -0.39 -11.49
C VAL A 80 -13.31 0.14 -10.60
N LEU A 81 -12.66 1.25 -11.05
CA LEU A 81 -11.55 1.88 -10.35
C LEU A 81 -11.88 3.29 -9.83
N THR A 82 -11.83 3.47 -8.48
CA THR A 82 -12.14 4.73 -7.79
C THR A 82 -11.11 5.85 -7.94
N HIS A 83 -9.79 5.52 -8.04
CA HIS A 83 -8.67 6.47 -8.22
C HIS A 83 -7.36 5.83 -8.69
N GLY A 84 -6.47 6.67 -9.23
CA GLY A 84 -5.18 6.24 -9.78
C GLY A 84 -4.01 6.07 -8.82
N ALA A 85 -4.26 6.07 -7.50
CA ALA A 85 -3.19 5.85 -6.51
C ALA A 85 -2.79 4.38 -6.49
N GLU A 86 -1.49 4.11 -6.25
CA GLU A 86 -0.87 2.78 -6.18
C GLU A 86 -1.64 1.75 -5.36
N ASP A 87 -2.24 2.17 -4.23
CA ASP A 87 -3.01 1.26 -3.39
C ASP A 87 -4.44 0.97 -3.89
N HIS A 88 -4.74 1.44 -5.11
CA HIS A 88 -6.03 1.22 -5.78
C HIS A 88 -5.87 0.70 -7.20
N ILE A 89 -4.75 1.04 -7.89
CA ILE A 89 -4.47 0.56 -9.26
C ILE A 89 -3.18 -0.27 -9.44
N GLY A 90 -2.17 0.00 -8.61
CA GLY A 90 -0.85 -0.63 -8.65
C GLY A 90 -0.72 -2.14 -8.80
N GLY A 91 -1.69 -2.88 -8.27
CA GLY A 91 -1.72 -4.33 -8.34
C GLY A 91 -2.11 -4.91 -9.69
N LEU A 92 -2.99 -4.20 -10.45
CA LEU A 92 -3.51 -4.59 -11.77
C LEU A 92 -2.50 -5.10 -12.83
N PRO A 93 -1.28 -4.49 -13.05
CA PRO A 93 -0.37 -5.07 -14.06
C PRO A 93 0.30 -6.38 -13.60
N PHE A 94 -0.37 -7.11 -12.70
CA PHE A 94 0.03 -8.39 -12.13
C PHE A 94 -1.22 -9.22 -11.93
N LEU A 95 -2.30 -8.58 -11.44
CA LEU A 95 -3.59 -9.25 -11.21
C LEU A 95 -4.31 -9.53 -12.54
N LEU A 96 -4.27 -8.58 -13.50
CA LEU A 96 -4.90 -8.74 -14.82
C LEU A 96 -4.38 -9.96 -15.62
N PRO A 97 -3.04 -10.18 -15.80
CA PRO A 97 -2.60 -11.40 -16.52
C PRO A 97 -2.90 -12.71 -15.76
N MET A 98 -2.99 -12.65 -14.42
CA MET A 98 -3.31 -13.79 -13.54
C MET A 98 -4.76 -14.25 -13.73
N ILE A 99 -5.70 -13.28 -13.89
CA ILE A 99 -7.14 -13.51 -14.03
C ILE A 99 -7.60 -13.75 -15.47
N PHE A 100 -7.07 -12.96 -16.42
CA PHE A 100 -7.50 -13.01 -17.82
C PHE A 100 -6.44 -13.43 -18.84
N GLY A 101 -5.20 -13.03 -18.61
CA GLY A 101 -4.10 -13.25 -19.54
C GLY A 101 -3.71 -11.93 -20.17
N LYS A 102 -2.70 -11.93 -21.06
CA LYS A 102 -2.17 -10.72 -21.71
C LYS A 102 -3.16 -9.85 -22.53
N GLU A 103 -4.46 -10.19 -22.47
CA GLU A 103 -5.58 -9.48 -23.11
C GLU A 103 -6.94 -9.92 -22.57
N SER A 104 -7.93 -8.99 -22.58
CA SER A 104 -9.28 -9.23 -22.09
C SER A 104 -10.29 -8.22 -22.64
N PRO A 105 -11.51 -8.68 -23.02
CA PRO A 105 -12.54 -7.73 -23.50
C PRO A 105 -13.40 -7.14 -22.37
N VAL A 106 -13.21 -7.61 -21.10
CA VAL A 106 -13.93 -7.18 -19.89
C VAL A 106 -13.75 -5.64 -19.67
N PRO A 107 -14.85 -4.87 -19.42
CA PRO A 107 -14.69 -3.41 -19.28
C PRO A 107 -14.06 -2.94 -17.97
N ILE A 108 -13.01 -2.12 -18.11
CA ILE A 108 -12.28 -1.54 -16.99
C ILE A 108 -12.64 -0.07 -16.94
N TYR A 109 -13.53 0.31 -16.00
CA TYR A 109 -13.99 1.70 -15.85
C TYR A 109 -13.14 2.50 -14.86
N GLY A 110 -12.76 3.69 -15.29
CA GLY A 110 -11.96 4.64 -14.53
C GLY A 110 -11.97 6.01 -15.17
N ALA A 111 -11.68 7.05 -14.37
CA ALA A 111 -11.62 8.44 -14.86
C ALA A 111 -10.33 8.65 -15.68
N ARG A 112 -10.28 9.74 -16.47
CA ARG A 112 -9.14 10.08 -17.36
C ARG A 112 -7.76 9.84 -16.73
N LEU A 113 -7.52 10.41 -15.52
CA LEU A 113 -6.26 10.23 -14.80
C LEU A 113 -6.05 8.79 -14.35
N THR A 114 -7.09 8.13 -13.81
CA THR A 114 -7.01 6.74 -13.35
C THR A 114 -6.57 5.80 -14.50
N LEU A 115 -7.26 5.87 -15.65
CA LEU A 115 -6.92 5.04 -16.81
C LEU A 115 -5.64 5.52 -17.47
N GLY A 116 -5.38 6.82 -17.43
CA GLY A 116 -4.16 7.40 -17.95
C GLY A 116 -2.93 6.84 -17.25
N LEU A 117 -3.04 6.67 -15.91
CA LEU A 117 -1.98 6.11 -15.08
C LEU A 117 -1.84 4.61 -15.28
N LEU A 118 -2.98 3.89 -15.42
CA LEU A 118 -3.03 2.45 -15.68
C LEU A 118 -2.44 2.12 -17.06
N ARG A 119 -2.70 2.97 -18.08
CA ARG A 119 -2.14 2.83 -19.43
C ARG A 119 -0.60 2.75 -19.33
N GLY A 120 0.00 3.72 -18.63
CA GLY A 120 1.43 3.81 -18.38
C GLY A 120 1.96 2.60 -17.63
N LYS A 121 1.22 2.15 -16.60
CA LYS A 121 1.56 0.99 -15.78
C LYS A 121 1.54 -0.31 -16.58
N LEU A 122 0.48 -0.53 -17.38
CA LEU A 122 0.33 -1.73 -18.21
C LEU A 122 1.42 -1.78 -19.28
N GLU A 123 1.60 -0.66 -20.02
CA GLU A 123 2.58 -0.49 -21.09
C GLU A 123 4.01 -0.80 -20.64
N GLU A 124 4.40 -0.38 -19.41
CA GLU A 124 5.74 -0.65 -18.89
C GLU A 124 6.00 -2.12 -18.50
N PHE A 125 4.93 -2.92 -18.34
CA PHE A 125 5.06 -4.34 -17.98
C PHE A 125 4.95 -5.33 -19.15
N GLY A 126 5.21 -4.84 -20.36
CA GLY A 126 5.18 -5.63 -21.59
C GLY A 126 3.80 -5.86 -22.15
N LEU A 127 2.81 -5.07 -21.70
CA LEU A 127 1.43 -5.16 -22.15
C LEU A 127 1.11 -4.02 -23.11
N ARG A 128 -0.04 -4.11 -23.80
CA ARG A 128 -0.53 -3.07 -24.69
C ARG A 128 -1.87 -2.56 -24.11
N PRO A 129 -2.07 -1.23 -23.93
CA PRO A 129 -3.35 -0.74 -23.38
C PRO A 129 -4.57 -1.14 -24.20
N GLY A 130 -4.38 -1.31 -25.52
CA GLY A 130 -5.41 -1.74 -26.46
C GLY A 130 -5.90 -3.16 -26.24
N ALA A 131 -5.05 -4.01 -25.63
CA ALA A 131 -5.34 -5.42 -25.31
C ALA A 131 -6.44 -5.58 -24.24
N PHE A 132 -6.64 -4.55 -23.40
CA PHE A 132 -7.68 -4.56 -22.36
C PHE A 132 -8.70 -3.48 -22.67
N ASN A 133 -9.96 -3.68 -22.21
CA ASN A 133 -11.06 -2.75 -22.49
C ASN A 133 -11.17 -1.64 -21.44
N LEU A 134 -10.32 -0.61 -21.58
CA LEU A 134 -10.32 0.55 -20.68
C LEU A 134 -11.38 1.54 -21.13
N LYS A 135 -12.46 1.63 -20.34
CA LYS A 135 -13.57 2.52 -20.64
C LYS A 135 -13.65 3.72 -19.72
N GLU A 136 -13.31 4.89 -20.26
CA GLU A 136 -13.29 6.16 -19.55
C GLU A 136 -14.68 6.56 -19.11
N ILE A 137 -14.80 6.98 -17.84
CA ILE A 137 -16.05 7.46 -17.26
C ILE A 137 -15.84 8.74 -16.43
N SER A 138 -16.90 9.50 -16.20
CA SER A 138 -16.86 10.69 -15.37
C SER A 138 -16.73 10.28 -13.87
N PRO A 139 -16.08 11.09 -12.99
CA PRO A 139 -16.03 10.74 -11.58
C PRO A 139 -17.42 10.78 -10.93
N ASP A 140 -18.41 11.32 -11.68
CA ASP A 140 -19.80 11.46 -11.29
C ASP A 140 -20.73 10.66 -12.20
N ASP A 141 -20.17 9.70 -12.94
CA ASP A 141 -20.94 8.88 -13.89
C ASP A 141 -21.89 7.86 -13.28
N ARG A 142 -22.89 7.46 -14.06
CA ARG A 142 -23.85 6.40 -13.74
C ARG A 142 -23.55 5.30 -14.76
N ILE A 143 -23.23 4.08 -14.27
CA ILE A 143 -22.90 2.93 -15.14
C ILE A 143 -23.65 1.66 -14.73
N GLN A 144 -23.97 0.81 -15.74
CA GLN A 144 -24.63 -0.47 -15.55
C GLN A 144 -23.64 -1.61 -15.72
N VAL A 145 -23.61 -2.51 -14.72
CA VAL A 145 -22.71 -3.66 -14.68
C VAL A 145 -23.59 -4.91 -14.64
N GLY A 146 -23.62 -5.63 -15.76
CA GLY A 146 -24.44 -6.82 -15.92
C GLY A 146 -25.92 -6.48 -15.92
N ARG A 147 -26.71 -7.26 -15.17
CA ARG A 147 -28.16 -7.10 -15.05
C ARG A 147 -28.61 -6.67 -13.66
N TYR A 148 -27.72 -6.79 -12.65
CA TYR A 148 -28.06 -6.53 -11.25
C TYR A 148 -27.42 -5.30 -10.60
N PHE A 149 -26.36 -4.73 -11.19
CA PHE A 149 -25.68 -3.59 -10.59
C PHE A 149 -25.79 -2.30 -11.35
N THR A 150 -26.24 -1.25 -10.66
CA THR A 150 -26.33 0.12 -11.14
C THR A 150 -25.37 0.92 -10.24
N LEU A 151 -24.26 1.39 -10.82
CA LEU A 151 -23.19 2.08 -10.10
C LEU A 151 -23.20 3.57 -10.28
N ASP A 152 -23.59 4.30 -9.24
CA ASP A 152 -23.61 5.76 -9.29
C ASP A 152 -22.37 6.39 -8.65
N LEU A 153 -21.37 6.71 -9.50
CA LEU A 153 -20.11 7.32 -9.04
C LEU A 153 -20.29 8.78 -8.65
N PHE A 154 -19.59 9.22 -7.60
CA PHE A 154 -19.69 10.60 -7.12
C PHE A 154 -18.31 11.12 -6.71
N ARG A 155 -17.93 12.30 -7.25
CA ARG A 155 -16.66 12.97 -6.97
C ARG A 155 -16.47 13.18 -5.45
N MET A 156 -15.28 12.80 -4.95
CA MET A 156 -14.88 12.94 -3.54
C MET A 156 -13.46 13.49 -3.49
N THR A 157 -13.23 14.51 -2.66
CA THR A 157 -11.91 15.13 -2.51
C THR A 157 -10.94 14.22 -1.74
N HIS A 158 -9.74 14.01 -2.31
CA HIS A 158 -8.70 13.16 -1.73
C HIS A 158 -7.29 13.72 -2.06
N SER A 159 -6.25 12.85 -2.17
CA SER A 159 -4.85 13.26 -2.41
C SER A 159 -4.53 13.34 -3.89
N ILE A 160 -5.24 12.54 -4.68
CA ILE A 160 -5.10 12.44 -6.12
C ILE A 160 -6.38 12.99 -6.77
N PRO A 161 -6.25 13.76 -7.89
CA PRO A 161 -7.47 14.23 -8.59
C PRO A 161 -8.26 13.06 -9.18
N ASP A 162 -9.50 13.32 -9.64
CA ASP A 162 -10.39 12.32 -10.28
C ASP A 162 -10.64 11.09 -9.38
N ASN A 163 -10.89 11.34 -8.08
CA ASN A 163 -11.16 10.32 -7.11
C ASN A 163 -12.69 10.17 -6.86
N SER A 164 -13.20 8.94 -6.86
CA SER A 164 -14.64 8.78 -6.67
C SER A 164 -15.07 7.88 -5.52
N GLY A 165 -16.31 8.09 -5.13
CA GLY A 165 -17.05 7.23 -4.23
C GLY A 165 -17.99 6.47 -5.15
N VAL A 166 -18.88 5.60 -4.62
CA VAL A 166 -19.82 4.86 -5.48
C VAL A 166 -21.06 4.37 -4.73
N VAL A 167 -22.22 4.76 -5.25
CA VAL A 167 -23.54 4.33 -4.75
C VAL A 167 -23.85 3.06 -5.55
N ILE A 168 -23.73 1.89 -4.90
CA ILE A 168 -23.97 0.59 -5.52
C ILE A 168 -25.43 0.22 -5.30
N ARG A 169 -26.23 0.29 -6.39
CA ARG A 169 -27.65 -0.04 -6.38
C ARG A 169 -27.80 -1.48 -6.84
N THR A 170 -28.29 -2.33 -5.94
CA THR A 170 -28.48 -3.76 -6.13
C THR A 170 -29.97 -4.12 -6.03
N PRO A 171 -30.44 -5.29 -6.54
CA PRO A 171 -31.88 -5.64 -6.43
C PRO A 171 -32.45 -5.79 -5.01
N ILE A 172 -31.62 -5.75 -3.96
CA ILE A 172 -32.11 -5.86 -2.58
C ILE A 172 -31.98 -4.58 -1.73
N GLY A 173 -31.13 -3.66 -2.16
CA GLY A 173 -30.92 -2.42 -1.43
C GLY A 173 -29.76 -1.59 -1.91
N THR A 174 -29.61 -0.41 -1.29
CA THR A 174 -28.54 0.54 -1.62
C THR A 174 -27.30 0.27 -0.77
N ILE A 175 -26.14 0.25 -1.42
CA ILE A 175 -24.84 0.12 -0.78
C ILE A 175 -24.07 1.40 -1.13
N VAL A 176 -23.70 2.19 -0.11
CA VAL A 176 -22.95 3.41 -0.36
C VAL A 176 -21.48 3.17 0.00
N HIS A 177 -20.59 3.36 -0.99
CA HIS A 177 -19.16 3.21 -0.78
C HIS A 177 -18.57 4.58 -0.98
N THR A 178 -18.02 5.15 0.10
CA THR A 178 -17.47 6.51 0.12
C THR A 178 -16.20 6.66 -0.69
N GLY A 179 -15.44 5.57 -0.82
CA GLY A 179 -14.11 5.55 -1.43
C GLY A 179 -13.13 6.25 -0.50
N ASP A 180 -11.89 6.49 -0.95
CA ASP A 180 -10.92 7.24 -0.15
C ASP A 180 -11.34 8.70 -0.25
N PHE A 181 -11.60 9.35 0.88
CA PHE A 181 -12.09 10.73 0.85
C PHE A 181 -11.72 11.56 2.06
N LYS A 182 -11.96 12.86 1.93
CA LYS A 182 -11.95 13.92 2.91
C LYS A 182 -12.95 14.95 2.38
N LEU A 183 -13.55 15.77 3.24
CA LEU A 183 -14.50 16.78 2.78
C LEU A 183 -13.80 18.13 2.70
N ASP A 184 -12.83 18.23 1.78
CA ASP A 184 -12.01 19.42 1.54
C ASP A 184 -12.89 20.51 0.90
N PRO A 185 -13.10 21.65 1.59
CA PRO A 185 -13.94 22.71 0.99
C PRO A 185 -13.23 23.47 -0.13
N THR A 186 -11.88 23.57 -0.06
CA THR A 186 -11.05 24.27 -1.03
C THR A 186 -9.98 23.37 -1.68
N PRO A 187 -10.37 22.39 -2.55
CA PRO A 187 -9.36 21.56 -3.21
C PRO A 187 -8.53 22.36 -4.21
N ILE A 188 -7.29 21.91 -4.49
CA ILE A 188 -6.32 22.55 -5.39
C ILE A 188 -6.82 22.77 -6.83
N ASP A 189 -7.55 21.80 -7.39
CA ASP A 189 -8.12 21.87 -8.74
C ASP A 189 -9.51 22.55 -8.74
N GLY A 190 -10.01 22.85 -7.54
CA GLY A 190 -11.33 23.45 -7.36
C GLY A 190 -12.45 22.53 -7.76
N LYS A 191 -12.25 21.21 -7.59
CA LYS A 191 -13.24 20.20 -7.92
C LYS A 191 -13.70 19.50 -6.62
N VAL A 192 -14.65 20.14 -5.93
CA VAL A 192 -15.23 19.74 -4.63
C VAL A 192 -15.97 18.39 -4.62
N SER A 193 -16.19 17.84 -3.41
CA SER A 193 -16.90 16.57 -3.16
C SER A 193 -18.38 16.75 -3.46
N HIS A 194 -18.95 15.87 -4.31
CA HIS A 194 -20.36 15.91 -4.69
C HIS A 194 -21.20 15.02 -3.78
N LEU A 195 -21.89 15.64 -2.82
CA LEU A 195 -22.71 14.92 -1.85
C LEU A 195 -24.18 14.69 -2.22
N ALA A 196 -24.62 15.19 -3.39
CA ALA A 196 -26.01 15.04 -3.86
C ALA A 196 -26.53 13.60 -3.93
N LYS A 197 -25.79 12.70 -4.63
CA LYS A 197 -26.15 11.28 -4.78
C LYS A 197 -26.21 10.60 -3.42
N VAL A 198 -25.24 10.92 -2.54
CA VAL A 198 -25.08 10.39 -1.19
C VAL A 198 -26.29 10.79 -0.35
N ALA A 199 -26.70 12.08 -0.41
CA ALA A 199 -27.86 12.62 0.30
C ALA A 199 -29.17 12.09 -0.27
N GLN A 200 -29.24 11.87 -1.60
CA GLN A 200 -30.40 11.28 -2.26
C GLN A 200 -30.56 9.79 -1.83
N ALA A 201 -29.43 9.02 -1.78
CA ALA A 201 -29.38 7.61 -1.38
C ALA A 201 -29.85 7.42 0.06
N GLY A 202 -29.38 8.29 0.97
CA GLY A 202 -29.76 8.27 2.38
C GLY A 202 -31.23 8.55 2.59
N ALA A 203 -31.83 9.38 1.70
CA ALA A 203 -33.26 9.73 1.73
C ALA A 203 -34.10 8.53 1.24
N GLU A 204 -33.58 7.78 0.24
CA GLU A 204 -34.21 6.54 -0.26
C GLU A 204 -34.07 5.48 0.84
N GLY A 205 -32.89 5.45 1.46
CA GLY A 205 -32.53 4.52 2.53
C GLY A 205 -31.30 3.73 2.16
N VAL A 206 -30.27 3.76 3.03
CA VAL A 206 -29.00 3.07 2.79
C VAL A 206 -28.99 1.76 3.56
N LEU A 207 -28.86 0.64 2.82
CA LEU A 207 -28.81 -0.69 3.44
C LEU A 207 -27.44 -0.92 4.06
N LEU A 208 -26.37 -0.62 3.30
CA LEU A 208 -25.02 -0.77 3.82
C LEU A 208 -24.11 0.39 3.43
N LEU A 209 -23.36 0.90 4.40
CA LEU A 209 -22.36 1.93 4.14
C LEU A 209 -20.99 1.30 4.32
N ILE A 210 -20.08 1.51 3.35
CA ILE A 210 -18.68 1.07 3.39
C ILE A 210 -17.89 2.38 3.38
N ALA A 211 -17.24 2.69 4.51
CA ALA A 211 -16.55 3.96 4.61
C ALA A 211 -15.13 3.93 5.12
N ASP A 212 -14.33 4.83 4.53
CA ASP A 212 -12.93 5.13 4.80
C ASP A 212 -12.73 5.40 6.30
N ALA A 213 -12.06 4.47 7.00
CA ALA A 213 -11.84 4.54 8.45
C ALA A 213 -10.48 5.05 8.87
N THR A 214 -9.60 5.43 7.90
CA THR A 214 -8.23 5.89 8.14
C THR A 214 -8.07 6.79 9.37
N ASN A 215 -8.87 7.89 9.45
CA ASN A 215 -8.82 8.86 10.54
C ASN A 215 -9.99 8.86 11.53
N ALA A 216 -10.70 7.72 11.68
CA ALA A 216 -11.82 7.55 12.61
C ALA A 216 -11.46 7.82 14.10
N GLU A 217 -10.15 7.92 14.41
CA GLU A 217 -9.62 8.22 15.75
C GLU A 217 -9.18 9.70 15.83
N ARG A 218 -9.12 10.39 14.68
CA ARG A 218 -8.70 11.78 14.63
C ARG A 218 -9.91 12.71 14.85
N PRO A 219 -9.92 13.54 15.91
CA PRO A 219 -11.05 14.48 16.09
C PRO A 219 -10.98 15.67 15.13
N GLY A 220 -12.08 16.39 14.98
CA GLY A 220 -12.16 17.58 14.15
C GLY A 220 -12.29 17.33 12.67
N TYR A 221 -11.61 18.16 11.86
CA TYR A 221 -11.64 18.13 10.39
C TYR A 221 -10.24 18.13 9.84
N THR A 222 -10.05 17.43 8.72
CA THR A 222 -8.75 17.36 8.08
C THR A 222 -8.49 18.66 7.30
N PRO A 223 -7.34 19.34 7.52
CA PRO A 223 -7.04 20.60 6.80
C PRO A 223 -7.07 20.51 5.28
N SER A 224 -7.53 21.59 4.64
CA SER A 224 -7.58 21.70 3.18
C SER A 224 -6.19 21.74 2.56
N GLU A 225 -6.09 21.28 1.31
CA GLU A 225 -4.85 21.32 0.54
C GLU A 225 -4.45 22.78 0.24
N MET A 226 -5.45 23.69 0.24
CA MET A 226 -5.27 25.13 0.07
C MET A 226 -4.56 25.74 1.29
N GLU A 227 -4.83 25.17 2.49
CA GLU A 227 -4.19 25.59 3.76
C GLU A 227 -2.71 25.20 3.73
N ILE A 228 -2.42 23.96 3.25
CA ILE A 228 -1.06 23.42 3.12
C ILE A 228 -0.27 24.21 2.05
N ALA A 229 -0.95 24.57 0.92
CA ALA A 229 -0.37 25.34 -0.17
C ALA A 229 0.14 26.69 0.33
N LYS A 230 -0.63 27.37 1.21
CA LYS A 230 -0.27 28.66 1.80
C LYS A 230 0.95 28.52 2.71
N GLU A 231 0.98 27.48 3.56
CA GLU A 231 2.10 27.19 4.46
C GLU A 231 3.38 26.78 3.70
N LEU A 232 3.22 26.14 2.53
CA LEU A 232 4.34 25.75 1.68
C LEU A 232 4.89 26.98 0.94
N ASP A 233 3.99 27.92 0.61
CA ASP A 233 4.33 29.19 -0.03
C ASP A 233 5.05 30.07 1.00
N ARG A 234 4.62 29.98 2.28
CA ARG A 234 5.20 30.70 3.42
C ARG A 234 6.65 30.26 3.63
N VAL A 235 6.90 28.95 3.69
CA VAL A 235 8.22 28.37 3.91
C VAL A 235 9.18 28.46 2.70
N ILE A 236 8.64 28.40 1.47
CA ILE A 236 9.46 28.50 0.25
C ILE A 236 9.97 29.93 0.03
N GLY A 237 9.09 30.90 0.29
CA GLY A 237 9.42 32.33 0.18
C GLY A 237 10.46 32.81 1.16
N ARG A 238 10.52 32.17 2.35
CA ARG A 238 11.46 32.49 3.41
C ARG A 238 12.83 31.83 3.19
N ALA A 239 12.86 30.67 2.47
CA ALA A 239 14.08 29.89 2.17
C ALA A 239 15.22 30.70 1.54
N PRO A 240 16.49 30.52 1.98
CA PRO A 240 17.58 31.35 1.42
C PRO A 240 18.21 30.85 0.13
N GLY A 241 18.50 29.55 0.06
CA GLY A 241 19.10 28.94 -1.11
C GLY A 241 18.14 28.00 -1.81
N ARG A 242 18.67 26.84 -2.24
CA ARG A 242 17.92 25.77 -2.89
C ARG A 242 16.80 25.25 -1.99
N VAL A 243 15.76 24.67 -2.61
CA VAL A 243 14.61 24.09 -1.93
C VAL A 243 14.46 22.64 -2.44
N PHE A 244 14.32 21.70 -1.50
CA PHE A 244 14.11 20.28 -1.82
C PHE A 244 12.77 19.90 -1.23
N VAL A 245 11.84 19.44 -2.07
CA VAL A 245 10.52 19.05 -1.60
C VAL A 245 10.27 17.59 -1.93
N THR A 246 9.92 16.80 -0.89
CA THR A 246 9.56 15.40 -1.03
C THR A 246 8.13 15.24 -0.60
N THR A 247 7.36 14.47 -1.39
CA THR A 247 5.95 14.16 -1.15
C THR A 247 5.72 12.75 -1.67
N PHE A 248 4.50 12.21 -1.47
CA PHE A 248 4.12 10.93 -2.05
C PHE A 248 3.92 11.23 -3.54
N ALA A 249 4.39 10.32 -4.41
CA ALA A 249 4.36 10.43 -5.87
C ALA A 249 2.98 10.70 -6.50
N SER A 250 1.92 10.06 -5.98
CA SER A 250 0.53 10.17 -6.46
C SER A 250 -0.18 11.46 -6.05
N HIS A 251 0.44 12.25 -5.17
CA HIS A 251 -0.12 13.50 -4.64
C HIS A 251 0.06 14.64 -5.63
N ILE A 252 -0.70 14.58 -6.73
CA ILE A 252 -0.68 15.57 -7.82
C ILE A 252 -1.04 16.98 -7.31
N HIS A 253 -2.05 17.06 -6.42
CA HIS A 253 -2.49 18.32 -5.83
C HIS A 253 -1.39 18.98 -5.01
N ARG A 254 -0.63 18.16 -4.24
CA ARG A 254 0.46 18.66 -3.42
C ARG A 254 1.62 19.13 -4.30
N ILE A 255 1.88 18.40 -5.41
CA ILE A 255 2.91 18.68 -6.42
C ILE A 255 2.56 20.01 -7.09
N GLN A 256 1.26 20.29 -7.27
CA GLN A 256 0.75 21.55 -7.85
C GLN A 256 1.02 22.74 -6.92
N SER A 257 0.72 22.58 -5.61
CA SER A 257 0.94 23.55 -4.54
C SER A 257 2.41 23.98 -4.45
N VAL A 258 3.34 23.03 -4.71
CA VAL A 258 4.78 23.25 -4.67
C VAL A 258 5.22 24.07 -5.90
N ILE A 259 4.77 23.68 -7.11
CA ILE A 259 5.06 24.35 -8.38
C ILE A 259 4.55 25.80 -8.31
N TRP A 260 3.32 25.99 -7.78
CA TRP A 260 2.73 27.32 -7.59
C TRP A 260 3.66 28.22 -6.78
N ALA A 261 4.20 27.70 -5.64
CA ALA A 261 5.12 28.41 -4.75
C ALA A 261 6.44 28.73 -5.46
N ALA A 262 7.04 27.73 -6.15
CA ALA A 262 8.28 27.90 -6.91
C ALA A 262 8.13 29.03 -7.92
N GLU A 263 7.02 29.00 -8.70
CA GLU A 263 6.68 29.99 -9.72
C GLU A 263 6.43 31.37 -9.11
N LYS A 264 5.86 31.41 -7.89
CA LYS A 264 5.58 32.64 -7.14
C LYS A 264 6.89 33.32 -6.67
N TYR A 265 7.96 32.54 -6.43
CA TYR A 265 9.21 33.13 -5.97
C TYR A 265 10.34 33.21 -7.01
N GLY A 266 10.00 32.86 -8.25
CA GLY A 266 10.94 32.89 -9.35
C GLY A 266 11.91 31.72 -9.35
N ARG A 267 11.42 30.53 -8.97
CA ARG A 267 12.23 29.32 -8.94
C ARG A 267 11.86 28.40 -10.08
N LYS A 268 12.82 27.58 -10.54
CA LYS A 268 12.62 26.64 -11.62
C LYS A 268 12.58 25.23 -11.03
N VAL A 269 11.50 24.50 -11.34
CA VAL A 269 11.25 23.14 -10.83
C VAL A 269 11.98 22.07 -11.62
N ALA A 270 12.71 21.20 -10.90
CA ALA A 270 13.43 20.04 -11.43
C ALA A 270 12.84 18.77 -10.80
N MET A 271 12.87 17.65 -11.52
CA MET A 271 12.31 16.39 -11.00
C MET A 271 13.23 15.19 -11.06
N GLU A 272 13.40 14.55 -9.89
CA GLU A 272 14.21 13.35 -9.69
C GLU A 272 13.37 12.34 -8.91
N GLY A 273 13.49 11.06 -9.28
CA GLY A 273 12.74 9.97 -8.69
C GLY A 273 11.67 9.50 -9.63
N ARG A 274 11.91 8.34 -10.27
CA ARG A 274 11.04 7.73 -11.28
C ARG A 274 9.54 7.62 -10.95
N SER A 275 9.21 7.23 -9.69
CA SER A 275 7.83 7.10 -9.20
C SER A 275 7.07 8.42 -9.43
N MET A 276 7.64 9.54 -8.95
CA MET A 276 7.09 10.88 -9.08
C MET A 276 7.16 11.41 -10.51
N LEU A 277 8.16 10.94 -11.28
CA LEU A 277 8.31 11.33 -12.68
C LEU A 277 7.23 10.70 -13.55
N LYS A 278 6.77 9.49 -13.15
CA LYS A 278 5.72 8.73 -13.83
C LYS A 278 4.36 9.43 -13.70
N PHE A 279 3.92 9.67 -12.45
CA PHE A 279 2.65 10.33 -12.15
C PHE A 279 2.54 11.71 -12.78
N SER A 280 3.60 12.54 -12.67
CA SER A 280 3.64 13.89 -13.21
C SER A 280 3.59 13.99 -14.74
N ARG A 281 4.32 13.09 -15.45
CA ARG A 281 4.34 13.05 -16.92
C ARG A 281 2.92 12.91 -17.46
N ILE A 282 2.17 11.92 -16.94
CA ILE A 282 0.79 11.63 -17.30
C ILE A 282 -0.13 12.81 -16.90
N ALA A 283 -0.04 13.25 -15.63
CA ALA A 283 -0.83 14.36 -15.09
C ALA A 283 -0.69 15.64 -15.92
N LEU A 284 0.56 16.04 -16.26
CA LEU A 284 0.83 17.22 -17.07
C LEU A 284 0.21 17.09 -18.45
N GLU A 285 0.36 15.89 -19.07
CA GLU A 285 -0.16 15.58 -20.40
C GLU A 285 -1.68 15.67 -20.50
N LEU A 286 -2.41 15.19 -19.47
CA LEU A 286 -3.87 15.21 -19.47
C LEU A 286 -4.52 16.46 -18.86
N GLY A 287 -3.71 17.49 -18.61
CA GLY A 287 -4.13 18.78 -18.08
C GLY A 287 -4.42 18.80 -16.59
N TYR A 288 -3.85 17.83 -15.84
CA TYR A 288 -4.04 17.72 -14.39
C TYR A 288 -2.95 18.45 -13.61
N LEU A 289 -1.90 18.90 -14.29
CA LEU A 289 -0.81 19.67 -13.73
C LEU A 289 -0.53 20.85 -14.64
N LYS A 290 -0.72 22.06 -14.10
CA LYS A 290 -0.46 23.33 -14.77
C LYS A 290 0.90 23.85 -14.33
N VAL A 291 1.82 24.01 -15.28
CA VAL A 291 3.17 24.52 -15.03
C VAL A 291 3.36 25.67 -16.00
N LYS A 292 3.47 26.91 -15.47
CA LYS A 292 3.63 28.15 -16.25
C LYS A 292 4.85 28.13 -17.18
N ASP A 293 5.95 27.50 -16.74
CA ASP A 293 7.14 27.37 -17.55
C ASP A 293 7.24 25.91 -18.02
N ARG A 294 8.13 25.11 -17.41
CA ARG A 294 8.31 23.69 -17.69
C ARG A 294 9.09 22.99 -16.58
N LEU A 295 8.97 21.66 -16.47
CA LEU A 295 9.71 20.89 -15.49
C LEU A 295 11.10 20.66 -16.08
N TYR A 296 12.10 21.33 -15.49
CA TYR A 296 13.49 21.25 -15.94
C TYR A 296 14.21 19.98 -15.52
N THR A 297 15.33 19.67 -16.19
CA THR A 297 16.16 18.50 -15.86
C THR A 297 17.09 18.91 -14.72
N LEU A 298 17.59 17.92 -13.97
CA LEU A 298 18.52 18.17 -12.86
C LEU A 298 19.86 18.71 -13.41
N GLU A 299 20.20 18.35 -14.67
CA GLU A 299 21.39 18.79 -15.40
C GLU A 299 21.33 20.29 -15.67
N GLU A 300 20.18 20.77 -16.20
CA GLU A 300 19.92 22.18 -16.54
C GLU A 300 19.87 23.11 -15.34
N VAL A 301 19.34 22.63 -14.21
CA VAL A 301 19.19 23.41 -12.99
C VAL A 301 20.51 23.61 -12.21
N LYS A 302 21.50 22.71 -12.42
CA LYS A 302 22.82 22.70 -11.77
C LYS A 302 23.55 24.06 -11.84
N ASP A 303 23.63 24.68 -13.03
CA ASP A 303 24.29 25.97 -13.25
C ASP A 303 23.55 27.15 -12.62
N LEU A 304 22.21 27.05 -12.50
CA LEU A 304 21.36 28.10 -11.93
C LEU A 304 21.70 28.44 -10.47
N PRO A 305 21.56 29.72 -10.03
CA PRO A 305 21.87 30.04 -8.62
C PRO A 305 20.82 29.47 -7.66
N ASP A 306 21.26 29.16 -6.43
CA ASP A 306 20.50 28.58 -5.32
C ASP A 306 19.04 29.05 -5.16
N HIS A 307 18.81 30.37 -4.96
CA HIS A 307 17.49 30.99 -4.78
C HIS A 307 16.53 30.87 -6.00
N GLN A 308 17.00 30.25 -7.10
CA GLN A 308 16.24 30.02 -8.34
C GLN A 308 16.09 28.52 -8.63
N VAL A 309 16.47 27.69 -7.65
CA VAL A 309 16.43 26.23 -7.76
C VAL A 309 15.45 25.62 -6.73
N LEU A 310 14.55 24.73 -7.23
CA LEU A 310 13.59 23.98 -6.43
C LEU A 310 13.50 22.58 -7.05
N ILE A 311 13.94 21.56 -6.30
CA ILE A 311 13.95 20.19 -6.79
C ILE A 311 12.89 19.35 -6.09
N LEU A 312 11.95 18.84 -6.88
CA LEU A 312 10.87 17.98 -6.39
C LEU A 312 11.40 16.56 -6.49
N ALA A 313 11.39 15.84 -5.36
CA ALA A 313 11.95 14.49 -5.33
C ALA A 313 11.20 13.51 -4.41
N THR A 314 11.59 12.23 -4.48
CA THR A 314 11.05 11.12 -3.69
C THR A 314 11.90 10.87 -2.43
N GLY A 315 11.35 10.12 -1.46
CA GLY A 315 12.02 9.78 -0.22
C GLY A 315 11.46 10.43 1.04
N SER A 316 10.14 10.67 1.05
CA SER A 316 9.45 11.28 2.19
C SER A 316 9.26 10.29 3.36
N GLN A 317 9.49 8.98 3.10
CA GLN A 317 9.37 7.88 4.07
C GLN A 317 10.74 7.26 4.40
N GLY A 318 11.81 7.97 4.04
CA GLY A 318 13.19 7.56 4.26
C GLY A 318 13.53 6.22 3.64
N GLN A 319 13.09 6.03 2.37
CA GLN A 319 13.28 4.80 1.59
C GLN A 319 14.76 4.65 1.17
N PRO A 320 15.38 3.45 1.34
CA PRO A 320 16.81 3.27 1.01
C PRO A 320 17.36 3.75 -0.34
N MET A 321 16.64 3.54 -1.45
CA MET A 321 17.15 3.96 -2.77
C MET A 321 16.50 5.23 -3.34
N SER A 322 15.74 5.96 -2.50
CA SER A 322 15.08 7.19 -2.89
C SER A 322 16.07 8.35 -3.03
N VAL A 323 15.65 9.42 -3.74
CA VAL A 323 16.47 10.60 -4.02
C VAL A 323 16.95 11.32 -2.72
N LEU A 324 16.03 11.50 -1.74
CA LEU A 324 16.33 12.16 -0.47
C LEU A 324 17.32 11.34 0.38
N HIS A 325 17.25 9.99 0.27
CA HIS A 325 18.15 9.06 0.97
C HIS A 325 19.54 9.14 0.33
N ARG A 326 19.59 9.17 -1.02
CA ARG A 326 20.83 9.29 -1.81
C ARG A 326 21.52 10.60 -1.49
N LEU A 327 20.73 11.69 -1.32
CA LEU A 327 21.21 13.02 -0.95
C LEU A 327 21.82 13.01 0.45
N ALA A 328 21.15 12.32 1.40
CA ALA A 328 21.57 12.23 2.80
C ALA A 328 22.73 11.25 3.00
N PHE A 329 22.52 9.96 2.66
CA PHE A 329 23.48 8.88 2.80
C PHE A 329 24.32 8.63 1.54
N GLU A 330 24.15 7.42 0.91
CA GLU A 330 24.83 6.89 -0.29
C GLU A 330 25.58 7.88 -1.19
N GLY A 331 24.85 8.79 -1.83
CA GLY A 331 25.40 9.78 -2.75
C GLY A 331 24.59 9.88 -4.03
N HIS A 332 24.76 11.00 -4.76
CA HIS A 332 24.06 11.28 -6.02
C HIS A 332 25.03 11.96 -7.00
N ALA A 333 24.75 11.83 -8.31
CA ALA A 333 25.54 12.38 -9.43
C ALA A 333 25.88 13.87 -9.30
N LYS A 334 24.86 14.75 -9.25
CA LYS A 334 25.03 16.21 -9.12
C LYS A 334 24.33 16.77 -7.88
N MET A 335 23.57 15.91 -7.18
CA MET A 335 22.80 16.29 -5.99
C MET A 335 23.50 15.96 -4.67
N ALA A 336 24.17 16.95 -4.09
CA ALA A 336 24.84 16.83 -2.80
C ALA A 336 24.24 17.87 -1.87
N ILE A 337 23.90 17.46 -0.62
CA ILE A 337 23.33 18.40 0.35
C ILE A 337 24.39 19.39 0.83
N LYS A 338 24.32 20.59 0.24
CA LYS A 338 25.19 21.71 0.50
C LYS A 338 24.68 22.48 1.74
N PRO A 339 25.57 22.88 2.68
CA PRO A 339 25.11 23.65 3.86
C PRO A 339 24.39 24.95 3.48
N GLY A 340 23.15 25.07 3.95
CA GLY A 340 22.30 26.23 3.68
C GLY A 340 21.03 25.88 2.91
N ASP A 341 20.95 24.65 2.39
CA ASP A 341 19.81 24.12 1.63
C ASP A 341 18.57 24.01 2.52
N THR A 342 17.37 24.10 1.90
CA THR A 342 16.10 23.96 2.57
C THR A 342 15.48 22.64 2.11
N VAL A 343 15.12 21.77 3.06
CA VAL A 343 14.52 20.46 2.79
C VAL A 343 13.15 20.40 3.47
N ILE A 344 12.09 20.34 2.67
CA ILE A 344 10.72 20.27 3.18
C ILE A 344 10.19 18.86 2.97
N LEU A 345 9.82 18.19 4.07
CA LEU A 345 9.25 16.86 3.98
C LEU A 345 7.74 17.02 4.01
N SER A 346 7.16 17.30 2.83
CA SER A 346 5.73 17.54 2.66
C SER A 346 4.94 16.22 2.72
N SER A 347 5.08 15.52 3.87
CA SER A 347 4.48 14.24 4.19
C SER A 347 4.56 13.99 5.71
N SER A 348 4.16 12.78 6.12
CA SER A 348 4.19 12.32 7.50
C SER A 348 4.81 10.91 7.52
N PRO A 349 5.51 10.51 8.60
CA PRO A 349 6.04 9.14 8.64
C PRO A 349 4.91 8.13 8.84
N ILE A 350 4.87 7.11 7.97
CA ILE A 350 3.86 6.04 8.02
C ILE A 350 4.25 5.12 9.18
N PRO A 351 3.30 4.65 10.05
CA PRO A 351 3.69 3.76 11.15
C PRO A 351 4.52 2.56 10.68
N GLY A 352 5.77 2.50 11.15
CA GLY A 352 6.74 1.47 10.78
C GLY A 352 7.94 2.01 10.03
N ASN A 353 7.79 3.19 9.39
CA ASN A 353 8.84 3.86 8.63
C ASN A 353 9.34 5.12 9.35
N GLU A 354 8.91 5.29 10.63
CA GLU A 354 9.27 6.43 11.50
C GLU A 354 10.79 6.60 11.72
N GLU A 355 11.51 5.50 12.03
CA GLU A 355 12.96 5.54 12.26
C GLU A 355 13.74 5.81 10.99
N ALA A 356 13.25 5.30 9.84
CA ALA A 356 13.85 5.52 8.52
C ALA A 356 13.80 7.01 8.18
N VAL A 357 12.67 7.69 8.45
CA VAL A 357 12.50 9.13 8.22
C VAL A 357 13.41 9.91 9.19
N ASN A 358 13.42 9.49 10.47
CA ASN A 358 14.23 10.07 11.55
C ASN A 358 15.72 10.04 11.23
N ARG A 359 16.24 8.88 10.73
CA ARG A 359 17.65 8.71 10.35
C ARG A 359 18.06 9.68 9.25
N VAL A 360 17.22 9.79 8.20
CA VAL A 360 17.43 10.66 7.04
C VAL A 360 17.38 12.12 7.48
N ILE A 361 16.40 12.49 8.34
CA ILE A 361 16.26 13.86 8.88
C ILE A 361 17.54 14.24 9.62
N ASN A 362 18.04 13.36 10.52
CA ASN A 362 19.26 13.58 11.30
C ASN A 362 20.49 13.72 10.40
N ARG A 363 20.59 12.87 9.37
CA ARG A 363 21.68 12.91 8.38
C ARG A 363 21.64 14.19 7.56
N LEU A 364 20.42 14.66 7.18
CA LEU A 364 20.22 15.91 6.43
C LEU A 364 20.67 17.11 7.24
N TYR A 365 20.21 17.23 8.51
CA TYR A 365 20.52 18.31 9.46
C TYR A 365 22.03 18.48 9.63
N ALA A 366 22.76 17.34 9.75
CA ALA A 366 24.20 17.27 9.90
C ALA A 366 24.97 17.88 8.71
N LEU A 367 24.32 17.94 7.54
CA LEU A 367 24.93 18.48 6.31
C LEU A 367 24.74 19.98 6.08
N GLY A 368 24.14 20.66 7.06
CA GLY A 368 23.92 22.11 7.02
C GLY A 368 22.57 22.56 6.48
N ALA A 369 21.69 21.59 6.15
CA ALA A 369 20.36 21.89 5.63
C ALA A 369 19.33 22.19 6.71
N TYR A 370 18.36 23.04 6.37
CA TYR A 370 17.24 23.37 7.24
C TYR A 370 16.15 22.36 6.88
N VAL A 371 15.82 21.46 7.82
CA VAL A 371 14.83 20.41 7.57
C VAL A 371 13.47 20.80 8.15
N LEU A 372 12.48 21.06 7.27
CA LEU A 372 11.12 21.48 7.62
C LEU A 372 10.15 20.31 7.45
N TYR A 373 9.24 20.12 8.42
CA TYR A 373 8.28 19.01 8.47
C TYR A 373 7.16 19.24 9.51
N PRO A 374 6.00 18.52 9.41
CA PRO A 374 4.98 18.64 10.47
C PRO A 374 5.44 17.98 11.78
N PRO A 375 4.91 18.38 12.96
CA PRO A 375 3.85 19.36 13.22
C PRO A 375 4.31 20.81 13.32
N THR A 376 5.65 21.02 13.37
CA THR A 376 6.31 22.33 13.47
C THR A 376 5.81 23.28 12.39
N TYR A 377 5.71 22.78 11.14
CA TYR A 377 5.22 23.53 9.98
C TYR A 377 4.14 22.69 9.32
N LYS A 378 2.93 23.26 9.15
CA LYS A 378 1.77 22.61 8.54
C LYS A 378 1.99 22.37 7.05
N VAL A 379 3.01 21.55 6.72
CA VAL A 379 3.38 21.22 5.34
C VAL A 379 2.74 19.93 4.79
N HIS A 380 1.87 19.25 5.59
CA HIS A 380 1.18 18.03 5.17
C HIS A 380 -0.16 17.82 5.85
N ALA A 381 -1.14 17.39 5.05
CA ALA A 381 -2.46 17.02 5.51
C ALA A 381 -2.76 15.66 4.94
N SER A 382 -3.38 14.79 5.77
CA SER A 382 -3.83 13.46 5.40
C SER A 382 -4.94 13.63 4.35
N GLY A 383 -5.03 12.73 3.40
CA GLY A 383 -6.07 12.82 2.39
C GLY A 383 -7.38 12.20 2.84
N HIS A 384 -7.43 11.80 4.13
CA HIS A 384 -8.58 11.13 4.73
C HIS A 384 -9.35 11.97 5.75
N ALA A 385 -10.68 11.85 5.70
CA ALA A 385 -11.64 12.51 6.56
C ALA A 385 -11.46 12.18 8.05
N SER A 386 -11.58 13.21 8.93
CA SER A 386 -11.51 13.06 10.37
C SER A 386 -12.94 12.91 10.92
N GLN A 387 -13.07 12.75 12.25
CA GLN A 387 -14.37 12.54 12.91
C GLN A 387 -15.55 13.39 12.46
N GLU A 388 -15.38 14.72 12.37
CA GLU A 388 -16.46 15.63 11.93
C GLU A 388 -16.96 15.33 10.51
N GLU A 389 -16.05 15.02 9.58
CA GLU A 389 -16.41 14.68 8.20
C GLU A 389 -17.09 13.31 8.15
N LEU A 390 -16.62 12.37 8.99
CA LEU A 390 -17.19 11.02 9.05
C LEU A 390 -18.60 11.02 9.65
N LYS A 391 -18.83 11.86 10.69
CA LYS A 391 -20.14 11.98 11.34
C LYS A 391 -21.18 12.59 10.39
N LEU A 392 -20.73 13.52 9.53
CA LEU A 392 -21.53 14.19 8.51
C LEU A 392 -22.04 13.16 7.51
N ILE A 393 -21.13 12.26 7.06
CA ILE A 393 -21.40 11.18 6.11
C ILE A 393 -22.34 10.15 6.74
N LEU A 394 -22.12 9.81 8.04
CA LEU A 394 -22.95 8.88 8.80
C LEU A 394 -24.38 9.37 8.86
N ASN A 395 -24.57 10.67 9.15
CA ASN A 395 -25.87 11.34 9.23
C ASN A 395 -26.52 11.54 7.87
N LEU A 396 -25.71 11.76 6.82
CA LEU A 396 -26.15 11.94 5.45
C LEU A 396 -26.68 10.61 4.90
N THR A 397 -26.10 9.48 5.36
CA THR A 397 -26.48 8.14 4.91
C THR A 397 -27.44 7.35 5.83
N THR A 398 -27.28 7.46 7.17
CA THR A 398 -28.04 6.70 8.20
C THR A 398 -28.19 5.22 7.74
N PRO A 399 -27.07 4.45 7.59
CA PRO A 399 -27.21 3.08 7.07
C PRO A 399 -27.80 2.10 8.07
N ARG A 400 -28.49 1.07 7.57
CA ARG A 400 -29.06 0.00 8.40
C ARG A 400 -27.91 -0.87 8.94
N PHE A 401 -26.87 -1.05 8.11
CA PHE A 401 -25.70 -1.84 8.44
C PHE A 401 -24.44 -1.09 8.03
N PHE A 402 -23.37 -1.31 8.80
CA PHE A 402 -22.11 -0.61 8.59
C PHE A 402 -20.91 -1.54 8.47
N LEU A 403 -20.02 -1.23 7.53
CA LEU A 403 -18.81 -1.97 7.29
C LEU A 403 -17.61 -1.01 7.14
N PRO A 404 -16.97 -0.58 8.26
CA PRO A 404 -15.77 0.27 8.13
C PRO A 404 -14.69 -0.43 7.30
N TRP A 405 -13.96 0.37 6.51
CA TRP A 405 -12.97 -0.10 5.56
C TRP A 405 -11.79 0.87 5.52
N HIS A 406 -10.72 0.53 4.79
CA HIS A 406 -9.50 1.32 4.61
C HIS A 406 -8.79 1.72 5.93
N GLY A 407 -8.80 0.79 6.87
CA GLY A 407 -8.16 0.99 8.18
C GLY A 407 -7.90 -0.29 8.92
N GLU A 408 -7.06 -0.20 9.96
CA GLU A 408 -6.72 -1.34 10.80
C GLU A 408 -7.81 -1.53 11.86
N VAL A 409 -7.74 -2.64 12.61
CA VAL A 409 -8.70 -2.99 13.67
C VAL A 409 -9.04 -1.80 14.60
N ARG A 410 -7.99 -1.05 15.04
CA ARG A 410 -8.12 0.14 15.90
C ARG A 410 -9.01 1.23 15.26
N HIS A 411 -8.74 1.54 13.97
CA HIS A 411 -9.45 2.51 13.14
C HIS A 411 -10.87 2.05 12.86
N GLN A 412 -11.07 0.73 12.63
CA GLN A 412 -12.39 0.14 12.40
C GLN A 412 -13.28 0.18 13.64
N MET A 413 -12.73 -0.16 14.83
CA MET A 413 -13.44 -0.16 16.11
C MET A 413 -13.95 1.23 16.48
N ASN A 414 -13.10 2.25 16.25
CA ASN A 414 -13.44 3.64 16.52
C ASN A 414 -14.55 4.17 15.62
N PHE A 415 -14.56 3.76 14.33
CA PHE A 415 -15.63 4.15 13.39
C PHE A 415 -16.92 3.46 13.85
N LYS A 416 -16.82 2.22 14.35
CA LYS A 416 -17.94 1.46 14.91
C LYS A 416 -18.54 2.27 16.08
N TRP A 417 -17.70 2.78 17.01
CA TRP A 417 -18.16 3.57 18.15
C TRP A 417 -18.74 4.92 17.74
N LEU A 418 -18.08 5.58 16.76
CA LEU A 418 -18.50 6.83 16.14
C LEU A 418 -19.91 6.66 15.56
N ALA A 419 -20.18 5.51 14.89
CA ALA A 419 -21.48 5.19 14.32
C ALA A 419 -22.52 4.82 15.40
N GLU A 420 -22.06 4.34 16.57
CA GLU A 420 -22.93 3.96 17.70
C GLU A 420 -23.34 5.15 18.57
N SER A 421 -22.57 6.26 18.50
CA SER A 421 -22.85 7.50 19.25
C SER A 421 -23.79 8.42 18.45
N MET A 422 -24.14 8.01 17.21
CA MET A 422 -25.05 8.76 16.36
C MET A 422 -26.49 8.62 16.86
N SER A 423 -27.35 9.56 16.45
CA SER A 423 -28.77 9.63 16.80
C SER A 423 -29.50 8.31 16.45
N ARG A 424 -29.34 7.88 15.18
CA ARG A 424 -29.92 6.63 14.65
C ARG A 424 -28.76 5.68 14.30
N PRO A 425 -28.19 4.93 15.28
CA PRO A 425 -27.06 4.02 14.96
C PRO A 425 -27.46 2.84 14.06
N PRO A 426 -26.51 2.18 13.35
CA PRO A 426 -26.89 1.03 12.49
C PRO A 426 -27.37 -0.16 13.31
N GLU A 427 -28.15 -1.05 12.68
CA GLU A 427 -28.70 -2.26 13.30
C GLU A 427 -27.53 -3.13 13.82
N LYS A 428 -26.44 -3.19 13.03
CA LYS A 428 -25.21 -3.93 13.34
C LYS A 428 -24.02 -3.37 12.54
N THR A 429 -22.83 -3.50 13.09
CA THR A 429 -21.57 -3.10 12.46
C THR A 429 -20.67 -4.32 12.48
N LEU A 430 -19.93 -4.57 11.38
CA LEU A 430 -19.00 -5.69 11.27
C LEU A 430 -17.59 -5.20 10.97
N ILE A 431 -16.60 -5.85 11.59
CA ILE A 431 -15.20 -5.53 11.37
C ILE A 431 -14.68 -6.39 10.23
N GLY A 432 -14.50 -5.74 9.09
CA GLY A 432 -14.06 -6.33 7.84
C GLY A 432 -12.67 -6.94 7.86
N GLU A 433 -12.56 -8.19 7.36
CA GLU A 433 -11.31 -8.95 7.27
C GLU A 433 -11.12 -9.40 5.83
N ASN A 434 -9.88 -9.37 5.33
CA ASN A 434 -9.55 -9.85 3.99
C ASN A 434 -9.87 -11.35 3.90
N GLY A 435 -10.54 -11.74 2.82
CA GLY A 435 -10.92 -13.12 2.55
C GLY A 435 -12.27 -13.55 3.10
N ALA A 436 -12.90 -12.70 3.93
CA ALA A 436 -14.22 -13.00 4.48
C ALA A 436 -15.30 -12.79 3.42
N VAL A 437 -16.41 -13.51 3.57
CA VAL A 437 -17.57 -13.47 2.67
C VAL A 437 -18.74 -13.04 3.52
N TYR A 438 -19.24 -11.82 3.27
CA TYR A 438 -20.36 -11.18 3.97
C TYR A 438 -21.62 -11.28 3.14
N ARG A 439 -22.65 -11.93 3.70
CA ARG A 439 -23.95 -12.11 3.05
C ARG A 439 -24.81 -10.90 3.43
N LEU A 440 -25.41 -10.23 2.43
CA LEU A 440 -26.26 -9.07 2.65
C LEU A 440 -27.65 -9.21 2.02
N THR A 441 -28.68 -9.27 2.87
CA THR A 441 -30.09 -9.31 2.48
C THR A 441 -30.77 -8.03 2.99
N ARG A 442 -32.03 -7.80 2.57
CA ARG A 442 -32.84 -6.63 2.96
C ARG A 442 -32.84 -6.34 4.47
N GLU A 443 -32.75 -7.41 5.31
CA GLU A 443 -32.78 -7.28 6.77
C GLU A 443 -31.61 -7.93 7.52
N THR A 444 -30.69 -8.62 6.81
CA THR A 444 -29.52 -9.27 7.43
C THR A 444 -28.18 -8.84 6.83
N PHE A 445 -27.10 -8.96 7.64
CA PHE A 445 -25.72 -8.68 7.26
C PHE A 445 -24.74 -9.43 8.18
N GLU A 446 -24.21 -10.59 7.72
CA GLU A 446 -23.27 -11.40 8.50
C GLU A 446 -22.22 -12.16 7.69
N LYS A 447 -21.14 -12.58 8.37
CA LYS A 447 -20.06 -13.38 7.79
C LYS A 447 -20.61 -14.81 7.62
N VAL A 448 -20.45 -15.38 6.42
CA VAL A 448 -20.97 -16.73 6.11
C VAL A 448 -19.88 -17.79 5.78
N GLY A 449 -18.67 -17.31 5.49
CA GLY A 449 -17.52 -18.16 5.16
C GLY A 449 -16.28 -17.37 4.81
N GLU A 450 -15.25 -18.08 4.32
CA GLU A 450 -13.96 -17.52 3.92
C GLU A 450 -13.50 -18.12 2.59
N VAL A 451 -12.75 -17.35 1.80
CA VAL A 451 -12.23 -17.82 0.52
C VAL A 451 -10.70 -17.73 0.50
N PRO A 452 -9.96 -18.57 -0.29
CA PRO A 452 -8.49 -18.46 -0.29
C PRO A 452 -8.01 -17.03 -0.47
N HIS A 453 -7.25 -16.54 0.52
CA HIS A 453 -6.74 -15.18 0.57
C HIS A 453 -5.33 -15.12 1.11
N GLY A 454 -4.71 -13.95 0.95
CA GLY A 454 -3.36 -13.67 1.38
C GLY A 454 -2.67 -12.65 0.52
N VAL A 455 -1.35 -12.70 0.49
CA VAL A 455 -0.53 -11.76 -0.26
C VAL A 455 0.54 -12.48 -1.10
N LEU A 456 1.06 -11.80 -2.13
CA LEU A 456 2.13 -12.28 -2.99
C LEU A 456 3.24 -11.24 -2.95
N TYR A 457 4.47 -11.70 -2.70
CA TYR A 457 5.63 -10.83 -2.58
C TYR A 457 6.28 -10.63 -3.95
N VAL A 458 6.46 -9.38 -4.35
CA VAL A 458 6.97 -8.96 -5.65
C VAL A 458 8.26 -8.16 -5.49
N ASP A 459 9.20 -8.34 -6.43
CA ASP A 459 10.47 -7.63 -6.51
C ASP A 459 10.78 -7.33 -7.98
N GLY A 460 11.92 -6.70 -8.26
CA GLY A 460 12.36 -6.38 -9.62
C GLY A 460 12.57 -7.59 -10.51
N LEU A 461 12.76 -8.78 -9.90
CA LEU A 461 12.95 -10.05 -10.61
C LEU A 461 11.62 -10.78 -10.91
N GLY A 462 10.50 -10.24 -10.42
CA GLY A 462 9.17 -10.79 -10.69
C GLY A 462 8.30 -11.17 -9.51
N VAL A 463 7.03 -11.49 -9.80
CA VAL A 463 5.99 -11.90 -8.84
C VAL A 463 6.31 -13.29 -8.24
N GLY A 464 6.22 -13.40 -6.92
CA GLY A 464 6.48 -14.63 -6.20
C GLY A 464 7.94 -15.06 -6.13
N ASP A 465 8.88 -14.11 -6.41
CA ASP A 465 10.31 -14.38 -6.36
C ASP A 465 10.83 -14.45 -4.92
N ILE A 466 9.98 -13.99 -3.97
CA ILE A 466 10.17 -14.05 -2.52
C ILE A 466 8.88 -14.68 -2.00
N THR A 467 9.00 -15.73 -1.19
CA THR A 467 7.85 -16.45 -0.65
C THR A 467 7.74 -16.20 0.86
N GLU A 468 6.78 -16.88 1.52
CA GLU A 468 6.57 -16.81 2.96
C GLU A 468 7.72 -17.54 3.67
N GLU A 469 8.14 -18.71 3.14
CA GLU A 469 9.24 -19.55 3.64
C GLU A 469 10.58 -18.80 3.63
N ILE A 470 10.95 -18.21 2.47
CA ILE A 470 12.16 -17.41 2.28
C ILE A 470 12.31 -16.40 3.43
N LEU A 471 11.24 -15.62 3.69
CA LEU A 471 11.11 -14.61 4.75
C LEU A 471 11.14 -15.25 6.14
N ALA A 472 10.39 -16.36 6.34
CA ALA A 472 10.29 -17.07 7.62
C ALA A 472 11.64 -17.56 8.12
N ASP A 473 12.45 -18.17 7.23
CA ASP A 473 13.78 -18.60 7.61
C ASP A 473 14.82 -17.47 7.57
N ARG A 474 14.47 -16.33 6.90
CA ARG A 474 15.31 -15.13 6.87
C ARG A 474 15.27 -14.47 8.25
N ARG A 475 14.15 -14.67 8.98
CA ARG A 475 13.94 -14.17 10.34
C ARG A 475 14.84 -14.96 11.28
N HIS A 476 14.78 -16.31 11.18
CA HIS A 476 15.56 -17.30 11.94
C HIS A 476 17.05 -16.92 11.95
N MET A 477 17.58 -16.60 10.77
CA MET A 477 18.97 -16.21 10.55
C MET A 477 19.36 -14.90 11.22
N ALA A 478 18.46 -13.90 11.22
CA ALA A 478 18.70 -12.61 11.85
C ALA A 478 18.49 -12.72 13.37
N GLU A 479 17.37 -13.35 13.79
CA GLU A 479 16.98 -13.52 15.19
C GLU A 479 17.93 -14.38 16.04
N GLU A 480 18.34 -15.57 15.54
CA GLU A 480 19.17 -16.50 16.31
C GLU A 480 20.55 -16.86 15.71
N GLY A 481 20.65 -16.87 14.38
CA GLY A 481 21.88 -17.19 13.68
C GLY A 481 21.87 -18.49 12.90
N LEU A 482 23.05 -18.90 12.42
CA LEU A 482 23.21 -20.12 11.63
C LEU A 482 24.35 -21.02 12.08
N VAL A 483 24.05 -22.31 12.17
CA VAL A 483 25.02 -23.35 12.49
C VAL A 483 25.03 -24.35 11.32
N VAL A 484 26.14 -24.39 10.55
CA VAL A 484 26.31 -25.33 9.43
C VAL A 484 27.23 -26.49 9.80
N ILE A 485 26.63 -27.68 9.93
CA ILE A 485 27.31 -28.93 10.27
C ILE A 485 27.54 -29.75 8.98
N THR A 486 28.80 -30.00 8.64
CA THR A 486 29.06 -30.84 7.47
C THR A 486 29.61 -32.22 7.85
N ALA A 487 28.80 -33.25 7.57
CA ALA A 487 29.08 -34.64 7.89
C ALA A 487 29.38 -35.50 6.65
N LEU A 488 30.48 -36.26 6.70
CA LEU A 488 30.91 -37.15 5.60
C LEU A 488 30.54 -38.61 5.89
N ALA A 489 29.44 -39.09 5.28
CA ALA A 489 28.93 -40.45 5.46
C ALA A 489 29.75 -41.49 4.67
N GLY A 490 31.00 -41.68 5.08
CA GLY A 490 31.93 -42.60 4.47
C GLY A 490 32.65 -43.51 5.44
N GLU A 491 33.67 -44.24 4.94
CA GLU A 491 34.53 -45.16 5.70
C GLU A 491 35.28 -44.38 6.79
N ASP A 492 35.76 -43.18 6.42
CA ASP A 492 36.46 -42.26 7.31
C ASP A 492 35.53 -41.04 7.49
N PRO A 493 34.72 -41.02 8.57
CA PRO A 493 33.79 -39.91 8.76
C PRO A 493 34.44 -38.66 9.34
N VAL A 494 34.13 -37.49 8.77
CA VAL A 494 34.65 -36.20 9.23
C VAL A 494 33.49 -35.20 9.39
N VAL A 495 33.41 -34.56 10.58
CA VAL A 495 32.40 -33.55 10.89
C VAL A 495 33.05 -32.19 11.12
N GLU A 496 32.74 -31.23 10.25
CA GLU A 496 33.22 -29.85 10.37
C GLU A 496 32.01 -28.93 10.60
N VAL A 497 32.01 -28.23 11.74
CA VAL A 497 30.92 -27.33 12.12
C VAL A 497 31.39 -25.88 12.13
N VAL A 498 30.73 -25.01 11.34
CA VAL A 498 31.02 -23.58 11.27
C VAL A 498 29.76 -22.71 11.47
N SER A 499 29.93 -21.45 11.89
CA SER A 499 28.80 -20.55 12.17
C SER A 499 28.97 -19.14 11.65
N ARG A 500 27.83 -18.44 11.50
CA ARG A 500 27.72 -17.04 11.10
C ARG A 500 26.55 -16.41 11.88
N GLY A 501 26.80 -15.27 12.50
CA GLY A 501 25.81 -14.55 13.30
C GLY A 501 25.33 -15.31 14.52
N PHE A 502 26.19 -16.17 15.07
CA PHE A 502 25.85 -16.97 16.24
C PHE A 502 26.51 -16.39 17.48
N VAL A 503 25.77 -16.38 18.61
CA VAL A 503 26.23 -15.86 19.91
C VAL A 503 27.56 -16.49 20.34
N LYS A 504 28.49 -15.67 20.86
CA LYS A 504 29.81 -16.12 21.33
C LYS A 504 29.77 -17.25 22.36
N ALA A 505 28.69 -17.32 23.17
CA ALA A 505 28.45 -18.38 24.16
C ALA A 505 28.27 -19.71 23.42
N GLY A 506 27.51 -19.69 22.33
CA GLY A 506 27.26 -20.83 21.47
C GLY A 506 28.45 -21.16 20.58
N GLU A 507 29.22 -20.12 20.20
CA GLU A 507 30.44 -20.23 19.39
C GLU A 507 31.49 -21.04 20.16
N ARG A 508 31.52 -20.87 21.49
CA ARG A 508 32.40 -21.58 22.43
C ARG A 508 32.03 -23.08 22.45
N LEU A 509 30.72 -23.39 22.29
CA LEU A 509 30.18 -24.75 22.31
C LEU A 509 30.24 -25.48 20.96
N LEU A 510 30.82 -24.84 19.91
CA LEU A 510 30.94 -25.43 18.56
C LEU A 510 31.80 -26.70 18.51
N GLY A 511 32.80 -26.79 19.39
CA GLY A 511 33.69 -27.94 19.50
C GLY A 511 32.92 -29.18 19.90
N GLU A 512 31.98 -29.02 20.86
CA GLU A 512 31.11 -30.09 21.34
C GLU A 512 30.14 -30.53 20.25
N VAL A 513 29.71 -29.59 19.37
CA VAL A 513 28.80 -29.86 18.24
C VAL A 513 29.45 -30.87 17.28
N ARG A 514 30.76 -30.70 16.98
CA ARG A 514 31.53 -31.62 16.13
C ARG A 514 31.42 -33.04 16.69
N ARG A 515 31.71 -33.22 18.00
CA ARG A 515 31.63 -34.49 18.73
C ARG A 515 30.20 -35.04 18.75
N MET A 516 29.21 -34.15 18.92
CA MET A 516 27.77 -34.47 18.96
C MET A 516 27.33 -35.15 17.66
N ALA A 517 27.75 -34.58 16.51
CA ALA A 517 27.41 -35.10 15.19
C ALA A 517 28.25 -36.33 14.80
N LEU A 518 29.55 -36.36 15.19
CA LEU A 518 30.44 -37.50 14.92
C LEU A 518 29.85 -38.79 15.47
N GLU A 519 29.27 -38.71 16.68
CA GLU A 519 28.58 -39.82 17.37
C GLU A 519 27.41 -40.30 16.49
N ALA A 520 26.58 -39.37 15.97
CA ALA A 520 25.43 -39.64 15.12
C ALA A 520 25.81 -40.16 13.73
N LEU A 521 26.99 -39.74 13.22
CA LEU A 521 27.50 -40.17 11.92
C LEU A 521 27.95 -41.63 11.98
N LYS A 522 28.65 -42.00 13.07
CA LYS A 522 29.17 -43.35 13.34
C LYS A 522 28.03 -44.36 13.49
N ASN A 523 26.88 -43.91 14.04
CA ASN A 523 25.69 -44.74 14.21
C ASN A 523 24.96 -44.91 12.87
N GLY A 524 25.00 -43.88 12.03
CA GLY A 524 24.37 -43.87 10.71
C GLY A 524 25.00 -44.85 9.75
N VAL A 525 26.34 -45.00 9.82
CA VAL A 525 27.12 -45.92 8.97
C VAL A 525 26.99 -47.38 9.43
N ARG A 526 27.13 -47.64 10.75
CA ARG A 526 27.02 -48.96 11.38
C ARG A 526 25.67 -49.60 11.06
N GLU A 527 24.58 -48.81 11.14
CA GLU A 527 23.21 -49.25 10.85
C GLU A 527 22.91 -49.19 9.35
N LYS A 528 23.84 -48.61 8.55
CA LYS A 528 23.75 -48.39 7.09
C LYS A 528 22.48 -47.61 6.70
N LYS A 529 22.13 -46.61 7.54
CA LYS A 529 20.96 -45.75 7.35
C LYS A 529 21.19 -44.79 6.17
N PRO A 530 20.14 -44.42 5.40
CA PRO A 530 20.35 -43.48 4.28
C PRO A 530 20.65 -42.08 4.79
N LEU A 531 21.38 -41.28 3.99
CA LEU A 531 21.79 -39.89 4.28
C LEU A 531 20.66 -38.98 4.80
N GLU A 532 19.41 -39.23 4.36
CA GLU A 532 18.21 -38.49 4.76
C GLU A 532 17.81 -38.79 6.22
N ARG A 533 18.23 -39.97 6.75
CA ARG A 533 17.96 -40.39 8.12
C ARG A 533 19.11 -40.00 9.07
N ILE A 534 20.34 -39.85 8.53
CA ILE A 534 21.54 -39.46 9.28
C ILE A 534 21.43 -37.96 9.63
N ARG A 535 20.87 -37.15 8.70
CA ARG A 535 20.64 -35.71 8.85
C ARG A 535 19.83 -35.45 10.13
N ASP A 536 18.68 -36.14 10.27
CA ASP A 536 17.79 -36.05 11.43
C ASP A 536 18.40 -36.64 12.70
N ASP A 537 19.43 -37.50 12.58
CA ASP A 537 20.16 -38.08 13.71
C ASP A 537 21.14 -37.03 14.26
N ILE A 538 21.51 -36.04 13.43
CA ILE A 538 22.44 -34.95 13.75
C ILE A 538 21.65 -33.69 14.19
N TYR A 539 20.62 -33.30 13.41
CA TYR A 539 19.78 -32.12 13.62
C TYR A 539 19.18 -32.03 15.03
N TYR A 540 18.19 -32.90 15.33
CA TYR A 540 17.50 -32.91 16.61
C TYR A 540 18.34 -32.89 17.92
N PRO A 541 19.38 -33.73 18.12
CA PRO A 541 20.16 -33.64 19.37
C PRO A 541 20.91 -32.31 19.53
N VAL A 542 21.47 -31.77 18.43
CA VAL A 542 22.19 -30.49 18.40
C VAL A 542 21.20 -29.33 18.65
N LYS A 543 19.93 -29.50 18.24
CA LYS A 543 18.88 -28.51 18.44
C LYS A 543 18.55 -28.39 19.93
N LYS A 544 18.29 -29.54 20.61
CA LYS A 544 17.97 -29.59 22.03
C LYS A 544 19.16 -29.20 22.92
N PHE A 545 20.40 -29.50 22.47
CA PHE A 545 21.63 -29.17 23.20
C PHE A 545 21.85 -27.67 23.31
N LEU A 546 21.75 -26.96 22.17
CA LEU A 546 21.94 -25.51 22.08
C LEU A 546 20.87 -24.70 22.82
N LYS A 547 19.60 -25.18 22.79
CA LYS A 547 18.49 -24.53 23.49
C LYS A 547 18.66 -24.65 25.01
N LYS A 548 19.21 -25.78 25.49
CA LYS A 548 19.44 -26.06 26.90
C LYS A 548 20.76 -25.45 27.43
N ALA A 549 21.63 -24.96 26.52
CA ALA A 549 22.93 -24.37 26.89
C ALA A 549 23.03 -22.87 26.60
N THR A 550 22.25 -22.35 25.64
CA THR A 550 22.26 -20.93 25.27
C THR A 550 20.88 -20.27 25.33
N GLY A 551 19.83 -21.08 25.25
CA GLY A 551 18.45 -20.61 25.23
C GLY A 551 17.97 -20.28 23.82
N ARG A 552 18.93 -20.06 22.91
CA ARG A 552 18.74 -19.72 21.50
C ARG A 552 18.31 -20.93 20.66
N ASP A 553 17.68 -20.67 19.50
CA ASP A 553 17.22 -21.66 18.53
C ASP A 553 17.83 -21.27 17.17
N PRO A 554 19.16 -21.45 16.95
CA PRO A 554 19.76 -21.05 15.66
C PRO A 554 19.36 -21.98 14.52
N MET A 555 19.49 -21.51 13.27
CA MET A 555 19.14 -22.36 12.14
C MET A 555 20.27 -23.35 11.91
N ILE A 556 19.99 -24.62 12.25
CA ILE A 556 20.93 -25.74 12.13
C ILE A 556 20.81 -26.37 10.75
N LEU A 557 21.91 -26.32 9.98
CA LEU A 557 21.99 -26.85 8.62
C LEU A 557 22.96 -28.05 8.51
N PRO A 558 22.49 -29.29 8.78
CA PRO A 558 23.37 -30.45 8.67
C PRO A 558 23.46 -30.98 7.23
N VAL A 559 24.62 -30.76 6.58
CA VAL A 559 24.91 -31.18 5.20
C VAL A 559 25.62 -32.56 5.18
N VAL A 560 24.91 -33.59 4.68
CA VAL A 560 25.39 -34.97 4.63
C VAL A 560 25.83 -35.39 3.21
N ILE A 561 27.13 -35.72 3.02
CA ILE A 561 27.70 -36.15 1.73
C ILE A 561 28.42 -37.50 1.84
N GLU A 562 28.15 -38.41 0.88
CA GLU A 562 28.76 -39.74 0.76
C GLU A 562 30.16 -39.59 0.13
#